data_3U4C
#
_entry.id   3U4C
#
_cell.length_a   69.301
_cell.length_b   69.301
_cell.length_c   206.989
_cell.angle_alpha   90.00
_cell.angle_beta   90.00
_cell.angle_gamma   120.00
#
_symmetry.space_group_name_H-M   'P 62 2 2'
#
loop_
_entity.id
_entity.type
_entity.pdbx_description
1 polymer 'Bacilysin biosynthesis oxidoreductase ywfH'
2 non-polymer 'NADPH DIHYDRO-NICOTINAMIDE-ADENINE-DINUCLEOTIDE PHOSPHATE'
3 water water
#
_entity_poly.entity_id   1
_entity_poly.type   'polypeptide(L)'
_entity_poly.pdbx_seq_one_letter_code
;MGSSHHHHHHSSGLVPRGSHMSKRTAFVMGASQGIGKAIALKLADQHFSLVINSRNLDNIESVKEDILAKHPEASVIVLA
GDMSDQHTRAGIFQKIESQCGRLDVLINNIPGGAPDTFDNCNIEDMTATFTQKTVAYIDAIKRASSLMKQNEFGRIINIV
GNLWKEPGANMFTNSMMNAALINASKNISIQLAPHNITVNCLNPGFIATDRYHQFVENVMKKNSISKQKAEEQIASGIPM
KRVGSAEETAALAAFLASEEASYITGQQISADGGSMKSILE
;
_entity_poly.pdbx_strand_id   A
#
loop_
_chem_comp.id
_chem_comp.type
_chem_comp.name
_chem_comp.formula
NDP non-polymer 'NADPH DIHYDRO-NICOTINAMIDE-ADENINE-DINUCLEOTIDE PHOSPHATE' 'C21 H30 N7 O17 P3'
#
# COMPACT_ATOMS: atom_id res chain seq x y z
N SER A 22 -16.33 17.21 -6.31
CA SER A 22 -15.62 17.19 -5.03
C SER A 22 -14.11 17.17 -5.23
N LYS A 23 -13.41 17.99 -4.45
CA LYS A 23 -11.95 18.04 -4.52
C LYS A 23 -11.33 17.24 -3.38
N ARG A 24 -11.32 15.93 -3.53
CA ARG A 24 -10.75 15.04 -2.52
C ARG A 24 -9.23 15.04 -2.55
N THR A 25 -8.62 14.87 -1.38
CA THR A 25 -7.17 14.83 -1.25
C THR A 25 -6.68 13.46 -0.84
N ALA A 26 -5.72 12.93 -1.58
CA ALA A 26 -5.20 11.59 -1.32
C ALA A 26 -3.72 11.58 -1.02
N PHE A 27 -3.34 10.86 0.03
CA PHE A 27 -1.93 10.67 0.38
C PHE A 27 -1.48 9.28 -0.03
N VAL A 28 -0.51 9.22 -0.94
CA VAL A 28 0.02 7.96 -1.41
C VAL A 28 1.51 7.84 -1.08
N MET A 29 1.83 6.91 -0.19
CA MET A 29 3.23 6.71 0.18
C MET A 29 3.90 5.66 -0.70
N GLY A 30 5.22 5.56 -0.61
CA GLY A 30 5.97 4.67 -1.48
C GLY A 30 5.51 4.80 -2.91
N ALA A 31 5.39 6.02 -3.39
CA ALA A 31 4.77 6.29 -4.68
C ALA A 31 5.77 6.55 -5.80
N SER A 32 7.05 6.30 -5.58
CA SER A 32 8.06 6.61 -6.59
C SER A 32 8.14 5.52 -7.67
N GLN A 33 7.69 4.32 -7.34
CA GLN A 33 7.61 3.27 -8.35
C GLN A 33 6.63 2.17 -7.96
N GLY A 34 6.38 1.26 -8.89
CA GLY A 34 5.60 0.08 -8.59
C GLY A 34 4.14 0.36 -8.32
N ILE A 35 3.57 -0.37 -7.36
CA ILE A 35 2.16 -0.25 -7.03
C ILE A 35 1.80 1.17 -6.59
N GLY A 36 2.59 1.75 -5.69
CA GLY A 36 2.34 3.11 -5.25
C GLY A 36 2.32 4.14 -6.38
N LYS A 37 3.26 4.05 -7.31
CA LYS A 37 3.29 4.99 -8.43
C LYS A 37 2.04 4.81 -9.29
N ALA A 38 1.67 3.58 -9.58
CA ALA A 38 0.50 3.33 -10.43
C ALA A 38 -0.79 3.89 -9.78
N ILE A 39 -0.90 3.74 -8.47
CA ILE A 39 -2.04 4.27 -7.73
C ILE A 39 -2.08 5.80 -7.83
N ALA A 40 -0.91 6.42 -7.71
CA ALA A 40 -0.81 7.86 -7.82
C ALA A 40 -1.26 8.34 -9.19
N LEU A 41 -0.73 7.73 -10.25
CA LEU A 41 -1.10 8.16 -11.60
C LEU A 41 -2.60 7.99 -11.78
N LYS A 42 -3.17 6.95 -11.20
CA LYS A 42 -4.58 6.64 -11.45
C LYS A 42 -5.50 7.61 -10.68
N LEU A 43 -5.12 7.93 -9.46
CA LEU A 43 -5.88 8.89 -8.67
C LEU A 43 -5.76 10.28 -9.30
N ALA A 44 -4.64 10.55 -9.96
CA ALA A 44 -4.49 11.83 -10.66
C ALA A 44 -5.41 11.88 -11.87
N ASP A 45 -5.41 10.82 -12.68
CA ASP A 45 -6.35 10.69 -13.80
C ASP A 45 -7.79 10.88 -13.35
N GLN A 46 -8.07 10.59 -12.09
CA GLN A 46 -9.42 10.72 -11.54
C GLN A 46 -9.61 12.03 -10.78
N HIS A 47 -8.64 12.92 -10.88
CA HIS A 47 -8.78 14.32 -10.42
C HIS A 47 -8.70 14.56 -8.91
N PHE A 48 -8.03 13.65 -8.19
CA PHE A 48 -7.73 13.85 -6.78
C PHE A 48 -6.60 14.86 -6.62
N SER A 49 -6.64 15.62 -5.52
CA SER A 49 -5.47 16.38 -5.13
C SER A 49 -4.53 15.40 -4.46
N LEU A 50 -3.25 15.48 -4.77
CA LEU A 50 -2.33 14.44 -4.34
C LEU A 50 -1.22 14.90 -3.42
N VAL A 51 -1.05 14.16 -2.34
CA VAL A 51 0.16 14.23 -1.57
C VAL A 51 0.87 12.92 -1.87
N ILE A 52 2.13 12.98 -2.26
CA ILE A 52 2.87 11.76 -2.59
C ILE A 52 4.22 11.69 -1.85
N ASN A 53 4.64 10.47 -1.54
CA ASN A 53 5.84 10.23 -0.74
C ASN A 53 6.66 9.04 -1.21
N SER A 54 7.98 9.16 -1.10
CA SER A 54 8.92 8.04 -1.06
C SER A 54 10.17 8.56 -0.37
N ARG A 55 11.16 7.71 -0.13
CA ARG A 55 12.41 8.14 0.51
C ARG A 55 13.29 8.95 -0.43
N ASN A 56 13.47 8.47 -1.66
CA ASN A 56 14.36 9.15 -2.61
C ASN A 56 13.70 10.38 -3.23
N LEU A 57 14.20 11.55 -2.87
CA LEU A 57 13.62 12.83 -3.29
C LEU A 57 13.53 13.01 -4.81
N ASP A 58 14.60 12.64 -5.50
CA ASP A 58 14.66 12.81 -6.96
C ASP A 58 13.58 11.96 -7.63
N ASN A 59 13.53 10.70 -7.21
CA ASN A 59 12.60 9.73 -7.78
C ASN A 59 11.12 10.06 -7.58
N ILE A 60 10.77 10.56 -6.39
CA ILE A 60 9.39 10.93 -6.14
C ILE A 60 9.07 12.26 -6.83
N GLU A 61 10.07 13.13 -6.98
CA GLU A 61 9.87 14.38 -7.73
C GLU A 61 9.60 14.05 -9.19
N SER A 62 10.30 13.05 -9.70
CA SER A 62 10.10 12.63 -11.09
C SER A 62 8.64 12.22 -11.31
N VAL A 63 8.01 11.70 -10.28
CA VAL A 63 6.61 11.30 -10.43
C VAL A 63 5.68 12.52 -10.49
N LYS A 64 5.90 13.50 -9.62
CA LYS A 64 5.15 14.75 -9.70
C LYS A 64 5.28 15.38 -11.08
N GLU A 65 6.46 15.29 -11.67
CA GLU A 65 6.66 15.79 -13.04
C GLU A 65 5.79 15.02 -14.02
N ASP A 66 5.82 13.69 -13.94
CA ASP A 66 5.00 12.85 -14.80
C ASP A 66 3.54 13.28 -14.72
N ILE A 67 3.05 13.46 -13.50
CA ILE A 67 1.64 13.82 -13.31
C ILE A 67 1.36 15.20 -13.90
N LEU A 68 2.15 16.19 -13.50
CA LEU A 68 2.02 17.53 -14.03
C LEU A 68 2.07 17.53 -15.55
N ALA A 69 3.03 16.81 -16.12
CA ALA A 69 3.18 16.76 -17.57
C ALA A 69 1.88 16.29 -18.20
N LYS A 70 1.22 15.35 -17.54
CA LYS A 70 -0.03 14.81 -18.08
C LYS A 70 -1.24 15.62 -17.62
N HIS A 71 -1.16 16.16 -16.41
CA HIS A 71 -2.24 16.99 -15.88
C HIS A 71 -1.70 18.32 -15.36
N PRO A 72 -1.48 19.27 -16.27
CA PRO A 72 -0.85 20.56 -15.94
C PRO A 72 -1.58 21.35 -14.85
N GLU A 73 -2.88 21.11 -14.72
CA GLU A 73 -3.70 21.82 -13.75
C GLU A 73 -3.82 21.04 -12.44
N ALA A 74 -3.12 19.91 -12.34
CA ALA A 74 -3.19 19.10 -11.13
C ALA A 74 -2.57 19.77 -9.90
N SER A 75 -2.98 19.30 -8.73
CA SER A 75 -2.39 19.72 -7.47
C SER A 75 -1.62 18.55 -6.86
N VAL A 76 -0.31 18.65 -6.83
CA VAL A 76 0.53 17.58 -6.34
C VAL A 76 1.60 18.10 -5.38
N ILE A 77 1.56 17.59 -4.15
CA ILE A 77 2.54 17.97 -3.14
C ILE A 77 3.44 16.80 -2.82
N VAL A 78 4.76 17.03 -2.86
CA VAL A 78 5.73 15.99 -2.60
C VAL A 78 6.22 16.11 -1.16
N LEU A 79 6.08 15.03 -0.40
CA LEU A 79 6.63 14.99 0.94
C LEU A 79 7.52 13.76 1.06
N ALA A 80 8.79 13.93 0.75
CA ALA A 80 9.74 12.83 0.82
C ALA A 80 9.98 12.44 2.27
N GLY A 81 10.44 11.22 2.49
CA GLY A 81 10.78 10.77 3.83
C GLY A 81 10.49 9.31 4.10
N ASP A 82 11.15 8.77 5.13
CA ASP A 82 10.94 7.39 5.54
C ASP A 82 9.65 7.24 6.35
N MET A 83 8.61 6.68 5.74
CA MET A 83 7.34 6.54 6.44
C MET A 83 7.41 5.50 7.58
N SER A 84 8.46 4.69 7.61
CA SER A 84 8.66 3.75 8.72
C SER A 84 9.14 4.46 9.98
N ASP A 85 9.64 5.68 9.81
CA ASP A 85 10.19 6.43 10.94
C ASP A 85 9.08 7.21 11.64
N GLN A 86 8.88 6.94 12.92
CA GLN A 86 7.76 7.54 13.66
C GLN A 86 7.75 9.06 13.63
N HIS A 87 8.92 9.68 13.77
CA HIS A 87 8.95 11.13 13.84
C HIS A 87 8.73 11.76 12.49
N THR A 88 9.27 11.13 11.44
CA THR A 88 8.98 11.54 10.08
C THR A 88 7.47 11.49 9.82
N ARG A 89 6.82 10.42 10.27
CA ARG A 89 5.39 10.26 10.06
C ARG A 89 4.63 11.41 10.66
N ALA A 90 4.92 11.71 11.92
CA ALA A 90 4.31 12.89 12.54
C ALA A 90 4.57 14.13 11.69
N GLY A 91 5.81 14.30 11.24
CA GLY A 91 6.16 15.48 10.46
C GLY A 91 5.40 15.54 9.13
N ILE A 92 5.26 14.40 8.46
CA ILE A 92 4.61 14.43 7.15
C ILE A 92 3.12 14.72 7.32
N PHE A 93 2.52 14.14 8.35
CA PHE A 93 1.13 14.43 8.64
C PHE A 93 0.86 15.85 9.15
N GLN A 94 1.83 16.46 9.82
CA GLN A 94 1.65 17.84 10.23
C GLN A 94 1.66 18.74 9.00
N LYS A 95 2.51 18.38 8.04
CA LYS A 95 2.61 19.12 6.79
C LYS A 95 1.33 18.97 5.99
N ILE A 96 0.77 17.77 5.99
CA ILE A 96 -0.48 17.53 5.29
C ILE A 96 -1.60 18.40 5.88
N GLU A 97 -1.75 18.39 7.19
CA GLU A 97 -2.78 19.23 7.82
C GLU A 97 -2.56 20.72 7.53
N SER A 98 -1.31 21.16 7.61
CA SER A 98 -0.98 22.58 7.35
C SER A 98 -1.20 23.02 5.91
N GLN A 99 -0.69 22.23 4.96
CA GLN A 99 -0.74 22.58 3.54
C GLN A 99 -2.02 22.11 2.84
N CYS A 100 -2.70 21.11 3.40
CA CYS A 100 -3.92 20.61 2.75
C CYS A 100 -5.21 21.04 3.46
N GLY A 101 -5.20 21.03 4.78
CA GLY A 101 -6.37 21.35 5.57
C GLY A 101 -7.36 20.20 5.73
N ARG A 102 -7.10 19.11 5.01
CA ARG A 102 -7.99 17.95 4.99
C ARG A 102 -7.19 16.70 4.58
N LEU A 103 -7.79 15.53 4.73
CA LEU A 103 -7.25 14.32 4.13
C LEU A 103 -8.41 13.34 3.94
N ASP A 104 -8.62 12.92 2.70
CA ASP A 104 -9.78 12.09 2.33
C ASP A 104 -9.41 10.62 2.10
N VAL A 105 -8.22 10.40 1.56
CA VAL A 105 -7.80 9.07 1.19
C VAL A 105 -6.37 8.83 1.68
N LEU A 106 -6.16 7.67 2.30
CA LEU A 106 -4.82 7.19 2.66
C LEU A 106 -4.52 5.89 1.93
N ILE A 107 -3.41 5.86 1.22
CA ILE A 107 -2.89 4.62 0.67
C ILE A 107 -1.67 4.16 1.51
N ASN A 108 -1.86 3.19 2.40
CA ASN A 108 -0.76 2.63 3.21
C ASN A 108 0.04 1.67 2.35
N ASN A 109 1.28 2.04 2.07
CA ASN A 109 2.10 1.28 1.14
C ASN A 109 3.58 1.38 1.46
N ILE A 110 4.06 0.43 2.26
CA ILE A 110 5.45 0.37 2.69
C ILE A 110 5.86 -1.09 2.56
N PRO A 111 7.05 -1.37 2.01
CA PRO A 111 7.52 -2.75 1.90
C PRO A 111 7.64 -3.47 3.26
N GLY A 112 7.53 -4.79 3.25
CA GLY A 112 7.80 -5.58 4.44
C GLY A 112 9.29 -5.56 4.78
N GLY A 113 9.67 -6.31 5.80
CA GLY A 113 11.06 -6.39 6.19
C GLY A 113 11.87 -7.38 5.37
N ALA A 114 13.13 -7.55 5.74
CA ALA A 114 14.00 -8.46 5.03
C ALA A 114 13.44 -9.86 5.13
N PRO A 115 13.52 -10.62 4.04
CA PRO A 115 12.98 -11.98 4.13
C PRO A 115 13.71 -12.75 5.24
N ASP A 116 12.98 -13.57 5.99
CA ASP A 116 13.60 -14.43 6.98
C ASP A 116 12.88 -15.77 7.01
N THR A 117 13.36 -16.69 7.84
CA THR A 117 12.74 -18.00 7.97
C THR A 117 12.54 -18.31 9.44
N PHE A 118 11.72 -19.32 9.75
CA PHE A 118 11.62 -19.82 11.10
C PHE A 118 13.00 -20.10 11.69
N ASP A 119 13.88 -20.70 10.89
CA ASP A 119 15.20 -21.13 11.36
C ASP A 119 16.15 -20.00 11.74
N ASN A 120 16.09 -18.89 11.01
CA ASN A 120 17.06 -17.82 11.19
C ASN A 120 16.49 -16.54 11.79
N CYS A 121 15.23 -16.56 12.21
CA CYS A 121 14.62 -15.34 12.71
C CYS A 121 15.24 -14.97 14.05
N ASN A 122 15.34 -13.67 14.32
CA ASN A 122 15.88 -13.18 15.58
C ASN A 122 15.06 -11.99 16.05
N ILE A 123 14.99 -11.82 17.37
CA ILE A 123 14.18 -10.78 17.96
C ILE A 123 14.48 -9.39 17.42
N GLU A 124 15.76 -9.07 17.21
CA GLU A 124 16.09 -7.75 16.66
C GLU A 124 15.44 -7.49 15.31
N ASP A 125 15.65 -8.39 14.35
CA ASP A 125 15.15 -8.16 13.00
C ASP A 125 13.64 -8.22 13.00
N MET A 126 13.08 -9.12 13.80
CA MET A 126 11.63 -9.28 13.82
C MET A 126 10.98 -8.04 14.37
N THR A 127 11.61 -7.45 15.38
CA THR A 127 11.11 -6.20 15.96
C THR A 127 11.13 -5.07 14.95
N ALA A 128 12.20 -5.00 14.19
CA ALA A 128 12.33 -3.96 13.17
C ALA A 128 11.28 -4.14 12.09
N THR A 129 10.98 -5.39 11.73
CA THR A 129 9.98 -5.62 10.70
C THR A 129 8.60 -5.22 11.15
N PHE A 130 8.28 -5.59 12.38
CA PHE A 130 7.02 -5.21 12.99
C PHE A 130 6.83 -3.69 13.02
N THR A 131 7.87 -2.96 13.41
CA THR A 131 7.72 -1.52 13.54
C THR A 131 7.67 -0.85 12.16
N GLN A 132 8.39 -1.40 11.19
CA GLN A 132 8.56 -0.69 9.93
C GLN A 132 7.36 -0.76 8.96
N LYS A 133 6.57 -1.82 9.04
CA LYS A 133 5.36 -1.92 8.23
C LYS A 133 4.07 -1.88 9.06
N THR A 134 3.92 -2.83 9.97
CA THR A 134 2.67 -2.98 10.70
C THR A 134 2.37 -1.81 11.63
N VAL A 135 3.30 -1.47 12.52
CA VAL A 135 3.15 -0.27 13.35
C VAL A 135 3.02 1.01 12.51
N ALA A 136 3.79 1.12 11.42
CA ALA A 136 3.74 2.33 10.60
C ALA A 136 2.33 2.52 10.00
N TYR A 137 1.76 1.45 9.46
CA TYR A 137 0.40 1.52 8.91
C TYR A 137 -0.59 1.93 9.98
N ILE A 138 -0.50 1.29 11.14
CA ILE A 138 -1.45 1.55 12.21
C ILE A 138 -1.32 3.00 12.66
N ASP A 139 -0.10 3.48 12.78
CA ASP A 139 0.12 4.88 13.18
C ASP A 139 -0.37 5.85 12.10
N ALA A 140 -0.10 5.50 10.85
CA ALA A 140 -0.54 6.34 9.74
C ALA A 140 -2.06 6.42 9.73
N ILE A 141 -2.73 5.29 9.96
CA ILE A 141 -4.18 5.29 10.06
C ILE A 141 -4.65 6.18 11.21
N LYS A 142 -3.99 6.07 12.36
CA LYS A 142 -4.36 6.94 13.46
C LYS A 142 -4.32 8.45 13.13
N ARG A 143 -3.23 8.89 12.51
CA ARG A 143 -3.05 10.29 12.16
C ARG A 143 -3.92 10.71 10.97
N ALA A 144 -4.11 9.81 10.02
CA ALA A 144 -4.93 10.12 8.87
C ALA A 144 -6.39 10.24 9.33
N SER A 145 -6.82 9.34 10.21
CA SER A 145 -8.21 9.29 10.63
C SER A 145 -8.65 10.54 11.40
N SER A 146 -7.72 11.14 12.11
CA SER A 146 -8.00 12.38 12.81
C SER A 146 -8.41 13.48 11.82
N LEU A 147 -7.65 13.61 10.75
CA LEU A 147 -7.98 14.54 9.67
C LEU A 147 -9.28 14.15 8.99
N MET A 148 -9.43 12.86 8.73
CA MET A 148 -10.65 12.35 8.06
C MET A 148 -11.92 12.61 8.87
N LYS A 149 -11.87 12.40 10.18
CA LYS A 149 -13.02 12.65 11.02
C LYS A 149 -13.53 14.08 10.89
N GLN A 150 -12.62 15.02 10.64
CA GLN A 150 -13.03 16.44 10.61
C GLN A 150 -14.04 16.73 9.50
N ASN A 151 -14.03 15.93 8.45
CA ASN A 151 -14.96 16.13 7.35
C ASN A 151 -15.87 14.92 7.14
N GLU A 152 -15.83 14.00 8.08
CA GLU A 152 -16.71 12.85 8.09
C GLU A 152 -16.61 11.99 6.84
N PHE A 153 -15.42 11.93 6.25
CA PHE A 153 -15.18 11.11 5.08
C PHE A 153 -13.77 10.58 5.08
N GLY A 154 -13.61 9.29 4.85
CA GLY A 154 -12.26 8.76 4.67
C GLY A 154 -12.28 7.45 3.90
N ARG A 155 -11.22 7.22 3.12
CA ARG A 155 -11.01 5.93 2.51
C ARG A 155 -9.57 5.52 2.77
N ILE A 156 -9.42 4.41 3.49
CA ILE A 156 -8.10 3.90 3.81
C ILE A 156 -7.90 2.56 3.10
N ILE A 157 -6.87 2.48 2.27
CA ILE A 157 -6.53 1.23 1.59
C ILE A 157 -5.14 0.79 2.07
N ASN A 158 -5.10 -0.34 2.76
CA ASN A 158 -3.84 -0.94 3.21
C ASN A 158 -3.33 -1.94 2.18
N ILE A 159 -2.18 -1.63 1.59
CA ILE A 159 -1.54 -2.58 0.69
C ILE A 159 -0.84 -3.63 1.55
N VAL A 160 -1.40 -4.83 1.59
CA VAL A 160 -0.85 -5.87 2.46
C VAL A 160 -0.26 -7.05 1.67
N GLY A 161 -1.02 -8.12 1.47
CA GLY A 161 -0.46 -9.28 0.79
C GLY A 161 -1.14 -10.60 1.10
N ASN A 162 -0.95 -11.57 0.21
CA ASN A 162 -1.59 -12.87 0.33
C ASN A 162 -0.96 -13.79 1.38
N LEU A 163 0.22 -13.45 1.88
CA LEU A 163 0.89 -14.32 2.86
C LEU A 163 0.10 -14.38 4.18
N TRP A 164 -0.90 -13.51 4.30
CA TRP A 164 -1.68 -13.39 5.53
C TRP A 164 -2.55 -14.60 5.83
N LYS A 165 -2.98 -15.31 4.79
CA LYS A 165 -3.85 -16.47 4.95
C LYS A 165 -3.06 -17.76 4.73
N GLU A 166 -2.18 -17.72 3.73
CA GLU A 166 -1.28 -18.84 3.45
C GLU A 166 0.18 -18.38 3.45
N PRO A 167 0.90 -18.67 4.54
CA PRO A 167 2.34 -18.41 4.62
C PRO A 167 3.09 -19.52 3.88
N GLY A 168 4.34 -19.30 3.48
CA GLY A 168 5.11 -18.11 3.76
C GLY A 168 6.53 -18.51 4.17
N ALA A 169 6.97 -19.67 3.69
CA ALA A 169 8.23 -20.29 4.13
C ALA A 169 9.45 -19.36 4.17
N ASN A 170 9.67 -18.60 3.09
CA ASN A 170 10.81 -17.71 3.02
C ASN A 170 10.46 -16.28 3.45
N MET A 171 9.21 -16.06 3.85
CA MET A 171 8.79 -14.78 4.42
C MET A 171 8.18 -14.98 5.81
N PHE A 172 8.95 -15.57 6.72
CA PHE A 172 8.39 -16.01 7.99
C PHE A 172 7.78 -14.85 8.77
N THR A 173 8.56 -13.80 9.01
CA THR A 173 8.04 -12.68 9.78
C THR A 173 7.06 -11.81 8.98
N ASN A 174 7.31 -11.63 7.69
CA ASN A 174 6.39 -10.83 6.89
C ASN A 174 5.00 -11.46 6.81
N SER A 175 4.92 -12.79 6.78
CA SER A 175 3.62 -13.47 6.74
C SER A 175 2.85 -13.24 8.02
N MET A 176 3.52 -13.32 9.16
CA MET A 176 2.77 -13.22 10.40
C MET A 176 2.38 -11.75 10.63
N MET A 177 3.22 -10.85 10.13
CA MET A 177 2.92 -9.43 10.22
C MET A 177 1.76 -9.08 9.29
N ASN A 178 1.67 -9.75 8.14
CA ASN A 178 0.51 -9.58 7.26
C ASN A 178 -0.80 -10.01 7.97
N ALA A 179 -0.78 -11.16 8.63
CA ALA A 179 -1.92 -11.62 9.41
C ALA A 179 -2.27 -10.60 10.52
N ALA A 180 -1.25 -10.11 11.22
CA ALA A 180 -1.50 -9.10 12.24
C ALA A 180 -2.25 -7.90 11.67
N LEU A 181 -1.80 -7.46 10.48
CA LEU A 181 -2.31 -6.24 9.84
C LEU A 181 -3.76 -6.43 9.36
N ILE A 182 -4.05 -7.60 8.81
CA ILE A 182 -5.41 -7.92 8.41
C ILE A 182 -6.29 -7.87 9.66
N ASN A 183 -5.84 -8.49 10.73
CA ASN A 183 -6.59 -8.50 11.98
C ASN A 183 -6.77 -7.08 12.55
N ALA A 184 -5.72 -6.26 12.51
CA ALA A 184 -5.83 -4.90 13.03
C ALA A 184 -6.74 -4.02 12.18
N SER A 185 -6.69 -4.19 10.84
CA SER A 185 -7.49 -3.39 9.92
C SER A 185 -8.95 -3.67 10.15
N LYS A 186 -9.29 -4.93 10.30
CA LYS A 186 -10.65 -5.32 10.62
C LYS A 186 -11.13 -4.58 11.89
N ASN A 187 -10.36 -4.70 12.96
CA ASN A 187 -10.66 -4.02 14.21
C ASN A 187 -10.85 -2.52 14.01
N ILE A 188 -9.91 -1.90 13.33
CA ILE A 188 -9.98 -0.47 13.08
C ILE A 188 -11.22 -0.12 12.24
N SER A 189 -11.53 -0.94 11.25
CA SER A 189 -12.68 -0.65 10.40
C SER A 189 -13.96 -0.55 11.23
N ILE A 190 -14.08 -1.39 12.24
CA ILE A 190 -15.29 -1.35 13.06
C ILE A 190 -15.37 -0.01 13.79
N GLN A 191 -14.24 0.44 14.31
CA GLN A 191 -14.16 1.69 15.05
C GLN A 191 -14.38 2.92 14.17
N LEU A 192 -13.86 2.89 12.96
CA LEU A 192 -13.94 4.09 12.13
C LEU A 192 -15.22 4.14 11.29
N ALA A 193 -15.94 3.02 11.20
CA ALA A 193 -17.12 2.99 10.32
C ALA A 193 -18.17 4.08 10.59
N PRO A 194 -18.48 4.38 11.86
CA PRO A 194 -19.52 5.40 12.08
C PRO A 194 -19.11 6.78 11.58
N HIS A 195 -17.85 6.96 11.22
CA HIS A 195 -17.37 8.25 10.74
C HIS A 195 -17.30 8.29 9.21
N ASN A 196 -17.88 7.30 8.54
CA ASN A 196 -17.84 7.25 7.08
C ASN A 196 -16.40 7.19 6.59
N ILE A 197 -15.61 6.41 7.32
CA ILE A 197 -14.24 6.15 6.91
C ILE A 197 -14.15 4.65 6.67
N THR A 198 -13.84 4.26 5.46
CA THR A 198 -13.71 2.83 5.16
C THR A 198 -12.27 2.40 5.34
N VAL A 199 -12.10 1.15 5.73
CA VAL A 199 -10.79 0.57 5.94
C VAL A 199 -10.73 -0.80 5.30
N ASN A 200 -10.02 -0.89 4.18
CA ASN A 200 -9.89 -2.15 3.47
C ASN A 200 -8.44 -2.53 3.20
N CYS A 201 -8.21 -3.83 3.10
CA CYS A 201 -6.91 -4.35 2.75
C CYS A 201 -6.91 -4.87 1.32
N LEU A 202 -5.87 -4.50 0.61
CA LEU A 202 -5.69 -4.91 -0.76
C LEU A 202 -4.44 -5.77 -0.87
N ASN A 203 -4.66 -7.02 -1.22
CA ASN A 203 -3.62 -8.02 -1.15
C ASN A 203 -3.13 -8.38 -2.55
N PRO A 204 -2.00 -7.78 -2.97
CA PRO A 204 -1.47 -8.14 -4.29
C PRO A 204 -0.94 -9.56 -4.23
N GLY A 205 -1.10 -10.31 -5.33
CA GLY A 205 -0.48 -11.62 -5.43
C GLY A 205 0.91 -11.47 -6.04
N PHE A 206 0.99 -11.65 -7.36
CA PHE A 206 2.21 -11.46 -8.10
C PHE A 206 1.99 -10.32 -9.07
N ILE A 207 2.70 -9.23 -8.88
CA ILE A 207 2.50 -8.03 -9.65
C ILE A 207 3.86 -7.52 -10.15
N ALA A 208 3.95 -7.24 -11.44
CA ALA A 208 5.23 -6.91 -12.06
C ALA A 208 5.75 -5.54 -11.65
N THR A 209 6.55 -5.54 -10.58
CA THR A 209 7.21 -4.34 -10.10
C THR A 209 8.67 -4.71 -9.97
N ASP A 210 9.50 -3.79 -9.50
CA ASP A 210 10.91 -4.10 -9.27
C ASP A 210 11.07 -5.15 -8.17
N ARG A 211 10.08 -5.24 -7.29
CA ARG A 211 10.11 -6.19 -6.19
C ARG A 211 9.82 -7.62 -6.66
N TYR A 212 8.99 -7.76 -7.69
CA TYR A 212 8.75 -9.06 -8.31
C TYR A 212 9.86 -9.49 -9.26
N HIS A 213 10.35 -8.56 -10.08
CA HIS A 213 11.46 -8.85 -10.99
C HIS A 213 12.68 -9.31 -10.19
N GLN A 214 12.79 -8.82 -8.95
CA GLN A 214 13.73 -9.35 -7.97
C GLN A 214 13.47 -10.82 -7.75
N PHE A 215 12.29 -11.12 -7.21
CA PHE A 215 11.87 -12.49 -6.90
C PHE A 215 12.18 -13.47 -8.03
N VAL A 216 11.91 -13.05 -9.27
CA VAL A 216 12.21 -13.88 -10.43
C VAL A 216 13.67 -14.30 -10.45
N GLU A 217 14.51 -13.53 -9.77
CA GLU A 217 15.92 -13.86 -9.59
C GLU A 217 16.16 -14.44 -8.21
N ASN A 218 15.61 -13.79 -7.19
CA ASN A 218 15.74 -14.24 -5.81
C ASN A 218 15.34 -15.70 -5.66
N VAL A 219 14.93 -16.30 -6.76
CA VAL A 219 14.52 -17.70 -6.76
C VAL A 219 15.22 -18.43 -7.89
N MET A 220 15.62 -17.68 -8.91
CA MET A 220 16.38 -18.25 -10.01
C MET A 220 17.49 -19.10 -9.43
N LYS A 221 17.67 -18.98 -8.12
CA LYS A 221 18.65 -19.79 -7.40
C LYS A 221 18.43 -21.26 -7.73
N LYS A 222 18.87 -21.65 -8.91
CA LYS A 222 18.66 -23.01 -9.40
C LYS A 222 18.68 -22.99 -10.92
N ASN A 223 18.22 -21.89 -11.49
CA ASN A 223 18.21 -21.71 -12.94
C ASN A 223 17.68 -20.33 -13.34
N GLN A 228 15.11 -16.01 -19.43
CA GLN A 228 14.50 -16.20 -18.11
C GLN A 228 13.29 -17.10 -18.22
N LYS A 229 13.31 -18.21 -17.48
CA LYS A 229 12.20 -19.15 -17.52
C LYS A 229 11.79 -19.62 -16.13
N ALA A 230 12.31 -18.96 -15.10
CA ALA A 230 11.83 -19.20 -13.75
C ALA A 230 10.41 -18.65 -13.62
N GLU A 231 10.05 -17.75 -14.53
CA GLU A 231 8.73 -17.14 -14.50
C GLU A 231 7.65 -18.07 -15.04
N GLU A 232 8.00 -18.95 -15.97
CA GLU A 232 7.05 -19.94 -16.45
C GLU A 232 6.60 -20.79 -15.26
N GLN A 233 7.53 -21.00 -14.34
CA GLN A 233 7.28 -21.74 -13.12
C GLN A 233 6.28 -21.00 -12.23
N ILE A 234 6.54 -19.71 -12.02
CA ILE A 234 5.70 -18.88 -11.17
C ILE A 234 4.30 -18.75 -11.72
N ALA A 235 4.21 -18.52 -13.02
CA ALA A 235 2.95 -18.29 -13.70
C ALA A 235 2.07 -19.54 -13.67
N SER A 236 2.70 -20.71 -13.59
CA SER A 236 1.97 -21.96 -13.53
C SER A 236 1.04 -22.03 -12.32
N GLY A 237 1.49 -21.47 -11.20
CA GLY A 237 0.71 -21.48 -9.97
C GLY A 237 -0.34 -20.41 -9.92
N ILE A 238 -0.46 -19.62 -10.99
CA ILE A 238 -1.47 -18.58 -11.06
C ILE A 238 -2.59 -19.03 -12.00
N PRO A 239 -3.81 -19.14 -11.49
CA PRO A 239 -4.86 -19.61 -12.40
C PRO A 239 -4.91 -18.80 -13.72
N MET A 240 -4.82 -17.47 -13.67
CA MET A 240 -4.79 -16.66 -14.90
C MET A 240 -3.55 -16.89 -15.75
N LYS A 241 -2.54 -17.53 -15.20
CA LYS A 241 -1.35 -17.93 -15.94
C LYS A 241 -0.47 -16.76 -16.36
N ARG A 242 -0.58 -15.66 -15.63
CA ARG A 242 0.27 -14.49 -15.88
C ARG A 242 0.40 -13.67 -14.61
N VAL A 243 1.47 -12.89 -14.54
CA VAL A 243 1.65 -11.89 -13.50
C VAL A 243 0.81 -10.65 -13.83
N GLY A 244 0.28 -9.99 -12.81
CA GLY A 244 -0.61 -8.86 -13.01
C GLY A 244 0.19 -7.57 -13.13
N SER A 245 -0.45 -6.50 -13.59
CA SER A 245 0.22 -5.22 -13.71
C SER A 245 -0.06 -4.35 -12.49
N ALA A 246 0.80 -3.35 -12.29
CA ALA A 246 0.62 -2.39 -11.21
C ALA A 246 -0.69 -1.66 -11.40
N GLU A 247 -1.03 -1.35 -12.65
CA GLU A 247 -2.30 -0.68 -12.94
C GLU A 247 -3.52 -1.54 -12.62
N GLU A 248 -3.41 -2.86 -12.84
CA GLU A 248 -4.48 -3.78 -12.48
C GLU A 248 -4.74 -3.75 -10.97
N THR A 249 -3.69 -3.51 -10.21
CA THR A 249 -3.79 -3.38 -8.76
C THR A 249 -4.34 -2.00 -8.38
N ALA A 250 -3.91 -0.99 -9.13
CA ALA A 250 -4.34 0.38 -8.87
C ALA A 250 -5.82 0.59 -9.16
N ALA A 251 -6.36 -0.16 -10.13
CA ALA A 251 -7.77 -0.08 -10.46
C ALA A 251 -8.64 -0.42 -9.25
N LEU A 252 -8.19 -1.40 -8.48
CA LEU A 252 -8.90 -1.82 -7.28
C LEU A 252 -8.77 -0.78 -6.17
N ALA A 253 -7.54 -0.33 -5.93
CA ALA A 253 -7.28 0.71 -4.96
C ALA A 253 -8.16 1.94 -5.28
N ALA A 254 -8.21 2.32 -6.54
CA ALA A 254 -8.90 3.57 -6.88
C ALA A 254 -10.40 3.42 -6.63
N PHE A 255 -10.95 2.26 -7.00
CA PHE A 255 -12.35 2.03 -6.72
C PHE A 255 -12.64 2.12 -5.23
N LEU A 256 -11.78 1.49 -4.43
CA LEU A 256 -11.96 1.54 -2.98
C LEU A 256 -11.88 2.97 -2.45
N ALA A 257 -11.08 3.80 -3.13
CA ALA A 257 -10.90 5.18 -2.69
C ALA A 257 -12.04 6.12 -3.13
N SER A 258 -12.85 5.66 -4.07
CA SER A 258 -13.93 6.50 -4.60
C SER A 258 -15.04 6.68 -3.58
N GLU A 259 -15.86 7.72 -3.81
CA GLU A 259 -16.98 8.03 -2.92
C GLU A 259 -18.07 6.94 -2.93
N GLU A 260 -18.23 6.29 -4.08
CA GLU A 260 -19.26 5.28 -4.30
C GLU A 260 -19.00 3.98 -3.54
N ALA A 261 -17.79 3.78 -3.07
CA ALA A 261 -17.45 2.59 -2.29
C ALA A 261 -17.71 2.85 -0.82
N SER A 262 -18.80 3.55 -0.54
CA SER A 262 -19.11 4.02 0.80
C SER A 262 -19.63 2.95 1.76
N TYR A 263 -20.05 1.80 1.24
CA TYR A 263 -20.58 0.75 2.08
C TYR A 263 -19.68 -0.48 2.15
N ILE A 264 -18.47 -0.35 1.64
CA ILE A 264 -17.50 -1.42 1.66
C ILE A 264 -16.38 -1.15 2.67
N THR A 265 -16.33 -1.95 3.72
CA THR A 265 -15.29 -1.75 4.72
C THR A 265 -14.94 -3.06 5.42
N GLY A 266 -13.75 -3.11 5.99
CA GLY A 266 -13.28 -4.30 6.69
C GLY A 266 -13.03 -5.48 5.76
N GLN A 267 -12.82 -5.19 4.48
CA GLN A 267 -12.64 -6.23 3.49
C GLN A 267 -11.17 -6.56 3.23
N GLN A 268 -10.93 -7.77 2.79
CA GLN A 268 -9.61 -8.15 2.34
C GLN A 268 -9.83 -8.62 0.92
N ILE A 269 -9.26 -7.90 -0.03
CA ILE A 269 -9.53 -8.19 -1.42
C ILE A 269 -8.20 -8.39 -2.13
N SER A 270 -8.08 -9.52 -2.81
CA SER A 270 -6.85 -9.84 -3.53
C SER A 270 -6.94 -9.42 -4.98
N ALA A 271 -5.81 -8.96 -5.49
CA ALA A 271 -5.63 -8.83 -6.92
C ALA A 271 -4.50 -9.80 -7.21
N ASP A 272 -4.85 -11.06 -7.46
CA ASP A 272 -3.84 -12.12 -7.56
C ASP A 272 -4.06 -13.14 -8.68
N GLY A 273 -4.90 -12.82 -9.68
CA GLY A 273 -5.14 -13.72 -10.78
C GLY A 273 -5.64 -15.09 -10.38
N GLY A 274 -6.24 -15.18 -9.18
CA GLY A 274 -6.79 -16.42 -8.67
C GLY A 274 -5.86 -17.22 -7.78
N SER A 275 -4.72 -16.63 -7.42
CA SER A 275 -3.64 -17.39 -6.76
C SER A 275 -4.04 -18.04 -5.43
N MET A 276 -4.97 -17.42 -4.72
CA MET A 276 -5.49 -17.98 -3.48
C MET A 276 -6.43 -19.14 -3.75
N LYS A 277 -6.03 -20.34 -3.34
CA LYS A 277 -6.86 -21.53 -3.54
C LYS A 277 -7.83 -21.74 -2.38
N SER A 278 -7.73 -20.87 -1.36
CA SER A 278 -8.56 -20.98 -0.16
C SER A 278 -9.61 -19.87 -0.05
N ILE A 279 -10.81 -20.25 0.38
CA ILE A 279 -11.91 -19.29 0.58
C ILE A 279 -11.99 -18.85 2.04
PA NDP B . 8.37 -1.66 -4.72
O1A NDP B . 8.27 -1.93 -6.20
O2A NDP B . 9.63 -2.27 -4.15
O5B NDP B . 8.40 -0.10 -4.43
C5B NDP B . 8.14 0.40 -3.14
C4B NDP B . 8.05 1.91 -3.15
O4B NDP B . 7.98 2.41 -1.83
C3B NDP B . 9.23 2.53 -3.77
O3B NDP B . 8.77 3.61 -4.50
C2B NDP B . 10.06 3.00 -2.65
O2B NDP B . 10.70 4.15 -3.05
C1B NDP B . 9.04 3.24 -1.60
N9A NDP B . 9.51 2.98 -0.26
C8A NDP B . 10.23 1.91 0.18
N7A NDP B . 10.42 2.06 1.53
C5A NDP B . 9.80 3.21 1.91
C6A NDP B . 9.69 3.83 3.13
N6A NDP B . 10.30 3.22 4.27
N1A NDP B . 9.02 5.00 3.23
C2A NDP B . 8.45 5.57 2.12
N3A NDP B . 8.57 4.95 0.91
C4A NDP B . 9.23 3.78 0.81
O3 NDP B . 7.13 -2.23 -3.90
PN NDP B . 5.93 -3.02 -4.58
O1N NDP B . 6.35 -4.28 -5.26
O2N NDP B . 5.23 -2.10 -5.56
O5D NDP B . 4.93 -3.36 -3.37
C5D NDP B . 4.20 -2.36 -2.68
C4D NDP B . 3.45 -3.05 -1.57
O4D NDP B . 2.78 -4.18 -2.04
C3D NDP B . 4.41 -3.48 -0.53
O3D NDP B . 3.91 -3.21 0.71
C2D NDP B . 4.52 -4.94 -0.73
O2D NDP B . 4.76 -5.55 0.48
C1D NDP B . 3.18 -5.29 -1.28
N1N NDP B . 3.20 -6.52 -2.05
C2N NDP B . 3.69 -6.56 -3.35
C3N NDP B . 3.69 -7.77 -4.06
C7N NDP B . 4.21 -7.85 -5.48
O7N NDP B . 4.60 -6.66 -5.98
N7N NDP B . 4.15 -9.13 -5.95
C4N NDP B . 3.22 -8.92 -3.46
C5N NDP B . 2.75 -8.88 -2.16
C6N NDP B . 2.74 -7.68 -1.46
P2B NDP B . 11.96 4.75 -2.36
O1X NDP B . 11.55 5.16 -0.97
O2X NDP B . 13.01 3.69 -2.23
O3X NDP B . 12.44 5.94 -3.18
#